data_2LBY
#
_entry.id   2LBY
#
_entity_poly.entity_id   1
_entity_poly.type   'polydeoxyribonucleotide'
_entity_poly.pdbx_seq_one_letter_code
;(DT)(DA)(DG)(DG)(DG)(DA)(DG)(DG)(DG)(DT)(DA)(DG)(DG)(DG)(DA)(DG)(DG)(DG)(DT)
;
_entity_poly.pdbx_strand_id   A
#
loop_
_chem_comp.id
_chem_comp.type
_chem_comp.name
_chem_comp.formula
DA DNA linking 2'-DEOXYADENOSINE-5'-MONOPHOSPHATE 'C10 H14 N5 O6 P'
DG DNA linking 2'-DEOXYGUANOSINE-5'-MONOPHOSPHATE 'C10 H14 N5 O7 P'
DT DNA linking THYMIDINE-5'-MONOPHOSPHATE 'C10 H15 N2 O8 P'
#